data_1IVR
#
_entry.id   1IVR
#
_cell.length_a   69.700
_cell.length_b   91.400
_cell.length_c   128.500
_cell.angle_alpha   90.00
_cell.angle_beta   90.00
_cell.angle_gamma   90.00
#
_symmetry.space_group_name_H-M   'C 2 2 21'
#
loop_
_entity.id
_entity.type
_entity.pdbx_description
1 polymer 'ASPARTATE AMINOTRANSFERASE'
2 non-polymer 'N-PYRIDOXYL-2,3-DIHYDROXYASPARTIC ACID-5-MONOPHOSPHATE'
3 water water
#
_entity_poly.entity_id   1
_entity_poly.type   'polypeptide(L)'
_entity_poly.pdbx_seq_one_letter_code
;SSWWSHVEMGPPDPILGVTEAFKRDTNSKKMNLGVGAYRDDNGKPYVLNCVRKAEAMIAAKKMDKEYLPIAGLADFTRAS
AELALGENSEAFKSGRYVTVQGISGTGSLRVGANFLQRFFKFSRDVYLPKPSWGNHTPIFRDAGLQLQAYRYYDPKTCSL
DFTGAMEDISKIPEKSIILLHACAHNPTGVDPRQEQWKELASVVKKRNLLAYFDMAYQGFASGDINRDAWALRHFIEQGI
DVVLSQSYAKNMGLYGERAGAFTVICRDAEEAKRVESQLKILIRPMYSNPPMNGARIASLILNTPELRKEWLVEVKGMAD
RIISMRTQLVSNLKKEGSSHNWQHITDQIGMFCFTGLKPEQVERLTKEFSIYMTKDGRISVAGVASSNVGYLAHAIHQVT
K
;
_entity_poly.pdbx_strand_id   A
#
loop_
_chem_comp.id
_chem_comp.type
_chem_comp.name
_chem_comp.formula
CBA non-polymer 'N-PYRIDOXYL-2,3-DIHYDROXYASPARTIC ACID-5-MONOPHOSPHATE' 'C12 H17 N2 O11 P'
#
# COMPACT_ATOMS: atom_id res chain seq x y z
N SER A 1 -10.12 6.57 -42.38
CA SER A 1 -8.84 6.74 -41.61
C SER A 1 -9.23 8.00 -40.81
N SER A 2 -9.55 7.71 -39.60
CA SER A 2 -9.99 8.71 -38.60
C SER A 2 -8.78 9.01 -37.73
N TRP A 3 -8.96 9.83 -36.74
CA TRP A 3 -7.84 10.24 -35.88
C TRP A 3 -7.20 9.09 -35.10
N TRP A 4 -8.07 8.25 -34.57
CA TRP A 4 -7.78 7.10 -33.75
C TRP A 4 -7.87 5.75 -34.35
N SER A 5 -7.67 5.65 -35.64
CA SER A 5 -7.83 4.31 -36.23
C SER A 5 -6.67 3.41 -35.83
N HIS A 6 -5.49 3.90 -35.62
CA HIS A 6 -4.22 3.28 -35.29
C HIS A 6 -4.09 2.78 -33.85
N VAL A 7 -5.00 3.31 -33.03
CA VAL A 7 -5.14 3.02 -31.61
C VAL A 7 -5.73 1.61 -31.46
N GLU A 8 -4.83 0.79 -30.93
CA GLU A 8 -5.07 -0.63 -30.65
C GLU A 8 -5.62 -0.84 -29.26
N MET A 9 -6.13 -2.05 -29.16
CA MET A 9 -6.79 -2.54 -27.95
C MET A 9 -5.78 -2.86 -26.87
N GLY A 10 -5.85 -2.15 -25.78
CA GLY A 10 -4.86 -2.48 -24.69
C GLY A 10 -5.54 -3.58 -23.86
N PRO A 11 -4.73 -4.26 -23.07
CA PRO A 11 -5.20 -5.31 -22.11
C PRO A 11 -5.80 -4.69 -20.85
N PRO A 12 -6.61 -5.46 -20.14
CA PRO A 12 -7.24 -5.00 -18.86
C PRO A 12 -6.22 -4.95 -17.72
N ASP A 13 -6.51 -4.06 -16.78
CA ASP A 13 -5.46 -4.09 -15.67
C ASP A 13 -5.23 -5.48 -15.01
N PRO A 14 -3.94 -5.71 -14.77
CA PRO A 14 -3.54 -6.95 -14.08
C PRO A 14 -4.26 -7.11 -12.76
N ILE A 15 -4.67 -6.13 -11.94
CA ILE A 15 -5.29 -6.34 -10.66
C ILE A 15 -6.74 -5.95 -10.73
N LEU A 16 -6.98 -4.72 -11.09
CA LEU A 16 -8.21 -3.97 -11.32
C LEU A 16 -9.01 -4.67 -12.37
N GLY A 17 -8.33 -5.12 -13.40
CA GLY A 17 -8.96 -5.89 -14.48
C GLY A 17 -9.56 -7.11 -13.81
N VAL A 18 -9.24 -7.70 -12.70
CA VAL A 18 -9.80 -8.87 -12.08
C VAL A 18 -11.15 -8.54 -11.48
N THR A 19 -11.36 -7.31 -11.05
CA THR A 19 -12.69 -7.05 -10.51
C THR A 19 -13.68 -6.91 -11.66
N GLU A 20 -13.20 -6.50 -12.81
CA GLU A 20 -14.09 -6.29 -13.95
C GLU A 20 -14.61 -7.65 -14.36
N ALA A 21 -13.73 -8.65 -14.48
CA ALA A 21 -14.20 -10.00 -14.85
C ALA A 21 -15.00 -10.67 -13.76
N PHE A 22 -14.65 -10.47 -12.51
CA PHE A 22 -15.38 -11.02 -11.38
C PHE A 22 -16.85 -10.58 -11.47
N LYS A 23 -17.00 -9.30 -11.78
CA LYS A 23 -18.31 -8.64 -11.82
C LYS A 23 -19.26 -9.41 -12.77
N ARG A 24 -18.81 -9.68 -13.98
CA ARG A 24 -19.65 -10.43 -14.90
C ARG A 24 -19.99 -11.89 -14.59
N ASP A 25 -19.35 -12.56 -13.66
CA ASP A 25 -19.59 -13.98 -13.44
C ASP A 25 -20.93 -14.17 -12.78
N THR A 26 -21.72 -15.14 -13.18
CA THR A 26 -23.05 -15.42 -12.61
C THR A 26 -23.14 -16.45 -11.47
N ASN A 27 -22.02 -17.10 -11.12
CA ASN A 27 -21.82 -18.17 -10.10
C ASN A 27 -22.23 -17.51 -8.78
N SER A 28 -23.17 -18.09 -8.11
CA SER A 28 -23.58 -17.40 -6.87
C SER A 28 -22.58 -17.53 -5.76
N LYS A 29 -21.55 -18.29 -5.84
CA LYS A 29 -20.43 -18.65 -5.07
C LYS A 29 -19.12 -17.95 -5.41
N LYS A 30 -19.17 -16.99 -6.34
CA LYS A 30 -17.90 -16.31 -6.75
C LYS A 30 -17.31 -15.50 -5.63
N MET A 31 -16.00 -15.43 -5.58
CA MET A 31 -15.22 -14.75 -4.51
C MET A 31 -14.28 -13.76 -5.17
N ASN A 32 -14.12 -12.52 -4.84
CA ASN A 32 -13.14 -11.66 -5.51
C ASN A 32 -11.97 -11.43 -4.52
N LEU A 33 -10.95 -12.26 -4.66
CA LEU A 33 -9.67 -12.36 -3.93
C LEU A 33 -8.56 -11.62 -4.66
N GLY A 34 -8.79 -10.75 -5.63
CA GLY A 34 -7.77 -10.04 -6.40
C GLY A 34 -7.45 -8.70 -5.83
N VAL A 35 -8.23 -7.62 -5.90
CA VAL A 35 -7.72 -6.38 -5.24
C VAL A 35 -7.70 -6.58 -3.71
N GLY A 36 -6.74 -5.78 -3.20
CA GLY A 36 -6.47 -5.73 -1.75
C GLY A 36 -7.67 -5.08 -1.05
N ALA A 37 -8.86 -5.65 -0.96
CA ALA A 37 -9.97 -4.94 -0.30
C ALA A 37 -10.65 -5.70 0.84
N TYR A 38 -10.85 -4.99 1.94
CA TYR A 38 -11.45 -5.62 3.11
C TYR A 38 -12.99 -5.89 3.15
N ARG A 39 -13.27 -7.18 3.56
CA ARG A 39 -14.66 -7.55 3.66
C ARG A 39 -14.91 -7.92 5.12
N ASP A 40 -16.15 -7.70 5.56
CA ASP A 40 -16.37 -8.10 7.00
C ASP A 40 -16.52 -9.61 7.13
N ASP A 41 -16.86 -10.24 8.21
CA ASP A 41 -16.98 -11.70 8.33
C ASP A 41 -18.25 -12.25 7.73
N ASN A 42 -18.83 -11.57 6.79
CA ASN A 42 -20.07 -12.02 6.10
C ASN A 42 -19.77 -11.83 4.62
N GLY A 43 -18.56 -11.35 4.50
CA GLY A 43 -17.95 -11.04 3.24
C GLY A 43 -18.72 -9.97 2.52
N LYS A 44 -18.79 -8.89 3.22
CA LYS A 44 -19.40 -7.62 2.81
C LYS A 44 -18.44 -6.44 3.05
N PRO A 45 -18.52 -5.47 2.16
CA PRO A 45 -17.70 -4.21 2.24
C PRO A 45 -17.99 -3.56 3.59
N TYR A 46 -16.82 -3.18 4.14
CA TYR A 46 -16.88 -2.64 5.52
C TYR A 46 -16.42 -1.21 5.57
N VAL A 47 -17.43 -0.44 5.93
CA VAL A 47 -17.31 1.00 6.07
C VAL A 47 -17.18 1.17 7.63
N LEU A 48 -15.98 1.53 8.08
CA LEU A 48 -15.74 1.66 9.49
C LEU A 48 -16.64 2.65 10.21
N ASN A 49 -16.90 2.17 11.40
CA ASN A 49 -17.69 2.87 12.39
C ASN A 49 -17.20 4.28 12.64
N CYS A 50 -15.93 4.54 12.81
CA CYS A 50 -15.55 5.95 13.02
C CYS A 50 -15.77 6.72 11.73
N VAL A 51 -15.79 5.98 10.59
CA VAL A 51 -16.00 6.73 9.29
C VAL A 51 -17.47 7.23 9.22
N ARG A 52 -18.38 6.31 9.48
CA ARG A 52 -19.79 6.58 9.50
C ARG A 52 -20.11 7.77 10.43
N LYS A 53 -19.49 7.82 11.64
CA LYS A 53 -19.75 8.95 12.53
C LYS A 53 -19.08 10.25 12.12
N ALA A 54 -17.92 10.21 11.48
CA ALA A 54 -17.22 11.39 11.01
C ALA A 54 -18.03 12.01 9.88
N GLU A 55 -18.73 11.29 9.04
CA GLU A 55 -19.56 11.75 7.95
C GLU A 55 -20.78 12.59 8.40
N ALA A 56 -21.36 12.10 9.48
CA ALA A 56 -22.51 12.64 10.15
C ALA A 56 -22.20 13.98 10.75
N MET A 57 -20.96 14.16 11.17
CA MET A 57 -20.59 15.48 11.78
C MET A 57 -20.35 16.54 10.72
N ILE A 58 -19.89 16.14 9.56
CA ILE A 58 -19.59 16.99 8.41
C ILE A 58 -20.90 17.55 7.84
N ALA A 59 -21.80 16.55 7.94
CA ALA A 59 -23.19 16.57 7.46
C ALA A 59 -23.95 17.64 8.23
N ALA A 60 -23.84 17.37 9.48
CA ALA A 60 -24.42 18.15 10.58
C ALA A 60 -23.83 19.54 10.57
N LYS A 61 -22.59 19.65 10.25
CA LYS A 61 -21.90 20.92 10.21
C LYS A 61 -22.40 21.78 9.05
N LYS A 62 -23.02 21.19 8.08
CA LYS A 62 -23.54 21.76 6.86
C LYS A 62 -22.32 22.36 6.13
N MET A 63 -21.26 21.62 5.81
CA MET A 63 -20.11 22.32 5.20
C MET A 63 -20.20 22.71 3.72
N ASP A 64 -19.44 23.74 3.42
CA ASP A 64 -19.34 24.24 2.01
C ASP A 64 -18.55 23.22 1.19
N LYS A 65 -18.29 23.43 -0.07
CA LYS A 65 -17.55 22.54 -0.99
C LYS A 65 -16.53 23.31 -1.82
N GLU A 66 -16.10 24.42 -1.17
CA GLU A 66 -15.19 25.31 -1.85
C GLU A 66 -13.86 24.61 -2.06
N TYR A 67 -13.26 24.96 -3.15
CA TYR A 67 -11.91 24.47 -3.52
C TYR A 67 -11.01 24.54 -2.25
N LEU A 68 -10.14 23.55 -2.05
CA LEU A 68 -9.15 23.36 -0.96
C LEU A 68 -7.86 23.98 -1.57
N PRO A 69 -6.92 24.44 -0.82
CA PRO A 69 -5.65 24.93 -1.35
C PRO A 69 -5.13 23.72 -2.16
N ILE A 70 -4.19 24.11 -3.00
CA ILE A 70 -3.58 23.16 -3.92
C ILE A 70 -2.93 22.11 -3.06
N ALA A 71 -2.42 22.37 -1.87
CA ALA A 71 -1.77 21.18 -1.26
C ALA A 71 -2.69 20.31 -0.42
N GLY A 72 -3.93 20.75 -0.31
CA GLY A 72 -4.93 19.99 0.50
C GLY A 72 -5.42 20.58 1.81
N LEU A 73 -6.21 19.85 2.55
CA LEU A 73 -6.77 20.39 3.83
C LEU A 73 -5.65 20.46 4.83
N ALA A 74 -5.24 21.58 5.45
CA ALA A 74 -4.08 21.58 6.35
C ALA A 74 -3.95 20.58 7.51
N ASP A 75 -5.06 20.27 8.10
CA ASP A 75 -5.30 19.41 9.22
C ASP A 75 -5.13 17.94 8.80
N PHE A 76 -5.47 17.88 7.53
CA PHE A 76 -5.32 16.47 7.14
C PHE A 76 -3.82 16.38 6.88
N THR A 77 -3.37 17.42 6.22
CA THR A 77 -1.92 17.42 5.78
C THR A 77 -1.01 17.14 6.94
N ARG A 78 -1.16 17.90 8.00
CA ARG A 78 -0.48 17.79 9.29
C ARG A 78 -0.78 16.53 10.11
N ALA A 79 -2.03 16.03 10.11
CA ALA A 79 -2.36 14.80 10.86
C ALA A 79 -1.64 13.56 10.31
N SER A 80 -1.37 13.44 9.03
CA SER A 80 -0.69 12.33 8.32
C SER A 80 0.79 12.37 8.55
N ALA A 81 1.27 13.61 8.45
CA ALA A 81 2.72 13.87 8.63
C ALA A 81 2.94 13.21 9.96
N GLU A 82 2.25 13.65 10.97
CA GLU A 82 2.31 13.13 12.31
C GLU A 82 2.01 11.66 12.42
N LEU A 83 1.01 11.07 11.87
CA LEU A 83 0.77 9.65 11.93
C LEU A 83 1.97 8.94 11.30
N ALA A 84 2.59 9.42 10.28
CA ALA A 84 3.71 8.70 9.64
C ALA A 84 4.92 8.77 10.52
N LEU A 85 5.35 9.94 10.96
CA LEU A 85 6.48 10.35 11.77
C LEU A 85 6.52 10.18 13.30
N GLY A 86 5.41 10.13 14.03
CA GLY A 86 5.29 10.00 15.49
C GLY A 86 5.30 11.46 15.97
N GLU A 87 4.61 11.84 17.01
CA GLU A 87 4.55 13.22 17.55
C GLU A 87 5.83 13.71 18.23
N ASN A 88 6.68 12.89 18.78
CA ASN A 88 7.93 13.24 19.44
C ASN A 88 9.08 13.55 18.52
N SER A 89 8.84 13.10 17.29
CA SER A 89 9.81 13.22 16.16
C SER A 89 10.48 14.59 16.04
N GLU A 90 11.78 14.56 15.85
CA GLU A 90 12.56 15.76 15.66
C GLU A 90 12.19 16.36 14.29
N ALA A 91 12.02 15.62 13.20
CA ALA A 91 11.61 16.01 11.85
C ALA A 91 10.26 16.76 11.78
N PHE A 92 9.33 16.09 12.43
CA PHE A 92 7.99 16.59 12.67
C PHE A 92 8.07 17.80 13.55
N LYS A 93 8.62 17.70 14.74
CA LYS A 93 8.72 18.87 15.71
C LYS A 93 9.54 20.01 15.17
N SER A 94 10.46 19.91 14.25
CA SER A 94 11.26 20.95 13.69
C SER A 94 10.55 21.49 12.45
N GLY A 95 9.50 20.76 11.99
CA GLY A 95 8.81 21.29 10.80
C GLY A 95 9.70 21.15 9.56
N ARG A 96 10.78 20.39 9.51
CA ARG A 96 11.54 20.15 8.27
C ARG A 96 10.81 19.09 7.37
N TYR A 97 9.56 19.00 7.14
CA TYR A 97 8.82 18.06 6.31
C TYR A 97 7.85 18.85 5.43
N VAL A 98 7.31 18.45 4.31
CA VAL A 98 6.27 19.04 3.44
C VAL A 98 5.53 17.76 2.94
N THR A 99 4.29 17.85 3.34
CA THR A 99 3.21 16.89 3.11
C THR A 99 2.16 17.62 2.24
N VAL A 100 1.78 16.90 1.22
CA VAL A 100 0.77 17.43 0.28
C VAL A 100 -0.32 16.39 0.21
N GLN A 101 -1.59 16.74 0.30
CA GLN A 101 -2.66 15.79 0.10
C GLN A 101 -2.54 15.31 -1.36
N GLY A 102 -2.72 14.00 -1.62
CA GLY A 102 -2.64 13.40 -2.98
C GLY A 102 -3.81 12.51 -3.14
N ILE A 103 -3.97 12.04 -4.35
CA ILE A 103 -5.06 11.15 -4.83
C ILE A 103 -4.79 9.68 -4.56
N SER A 104 -4.79 9.54 -3.25
CA SER A 104 -4.52 8.34 -2.49
C SER A 104 -3.04 8.06 -2.74
N GLY A 105 -2.81 6.83 -2.35
CA GLY A 105 -1.43 6.29 -2.47
C GLY A 105 -0.89 6.37 -3.89
N THR A 106 -1.64 5.90 -4.87
CA THR A 106 -1.26 5.94 -6.24
C THR A 106 -0.89 7.36 -6.72
N GLY A 107 -1.84 8.26 -6.47
CA GLY A 107 -1.75 9.68 -6.71
C GLY A 107 -0.58 10.26 -5.82
N SER A 108 -0.34 9.87 -4.55
CA SER A 108 0.83 10.51 -3.96
C SER A 108 2.14 10.08 -4.58
N LEU A 109 2.16 8.82 -4.91
CA LEU A 109 3.32 8.10 -5.58
C LEU A 109 3.73 8.86 -6.85
N ARG A 110 2.68 9.11 -7.66
CA ARG A 110 2.89 9.80 -8.98
C ARG A 110 3.32 11.26 -8.78
N VAL A 111 2.62 12.05 -7.93
CA VAL A 111 3.16 13.43 -7.72
C VAL A 111 4.64 13.34 -7.29
N GLY A 112 5.00 12.39 -6.45
CA GLY A 112 6.34 12.21 -6.03
C GLY A 112 7.38 11.87 -7.06
N ALA A 113 7.01 10.90 -7.89
CA ALA A 113 7.78 10.35 -9.02
C ALA A 113 7.98 11.48 -10.01
N ASN A 114 6.93 12.31 -10.19
CA ASN A 114 6.94 13.47 -11.08
C ASN A 114 7.82 14.54 -10.43
N PHE A 115 7.90 14.66 -9.11
CA PHE A 115 8.76 15.59 -8.33
C PHE A 115 10.22 15.11 -8.58
N LEU A 116 10.35 13.73 -8.42
CA LEU A 116 11.72 13.30 -8.68
C LEU A 116 12.11 13.52 -10.12
N GLN A 117 11.30 13.25 -11.11
CA GLN A 117 11.65 13.40 -12.50
C GLN A 117 12.18 14.81 -12.67
N ARG A 118 11.45 15.84 -12.23
CA ARG A 118 11.78 17.26 -12.31
C ARG A 118 12.93 17.76 -11.40
N PHE A 119 13.07 17.45 -10.12
CA PHE A 119 14.16 17.96 -9.32
C PHE A 119 15.21 16.96 -8.85
N PHE A 120 15.13 15.69 -9.07
CA PHE A 120 16.11 14.70 -8.62
C PHE A 120 17.23 14.60 -9.71
N LYS A 121 18.13 15.57 -9.60
CA LYS A 121 19.26 15.81 -10.44
C LYS A 121 20.40 14.79 -10.47
N PHE A 122 20.42 13.87 -9.50
CA PHE A 122 21.49 12.85 -9.45
C PHE A 122 21.21 11.52 -10.09
N SER A 123 20.16 11.16 -10.75
CA SER A 123 19.86 9.83 -11.29
C SER A 123 18.45 9.76 -11.85
N ARG A 124 18.21 8.84 -12.73
CA ARG A 124 16.87 8.62 -13.30
C ARG A 124 16.45 7.19 -12.90
N ASP A 125 17.22 6.49 -12.11
CA ASP A 125 17.03 5.08 -11.69
C ASP A 125 16.32 4.88 -10.38
N VAL A 126 15.27 4.09 -10.43
CA VAL A 126 14.42 3.73 -9.25
C VAL A 126 14.54 2.22 -9.22
N TYR A 127 15.01 1.81 -8.08
CA TYR A 127 15.16 0.35 -7.79
C TYR A 127 13.96 -0.15 -6.99
N LEU A 128 13.27 -1.08 -7.59
CA LEU A 128 12.07 -1.72 -6.95
C LEU A 128 12.43 -3.10 -6.44
N PRO A 129 11.80 -3.61 -5.37
CA PRO A 129 12.16 -4.95 -4.89
C PRO A 129 11.73 -5.93 -5.94
N LYS A 130 12.10 -7.17 -5.95
CA LYS A 130 11.71 -8.33 -6.73
C LYS A 130 10.94 -9.30 -5.85
N PRO A 131 9.63 -9.41 -5.94
CA PRO A 131 8.71 -8.64 -6.82
C PRO A 131 8.22 -7.47 -5.92
N SER A 132 7.45 -6.72 -6.68
CA SER A 132 6.75 -5.48 -6.20
C SER A 132 5.33 -5.39 -6.80
N TRP A 133 4.59 -4.46 -6.19
CA TRP A 133 3.23 -4.03 -6.52
C TRP A 133 3.35 -3.75 -8.03
N GLY A 134 2.66 -4.55 -8.82
CA GLY A 134 2.73 -4.36 -10.29
C GLY A 134 2.54 -2.90 -10.76
N ASN A 135 1.76 -2.02 -10.16
CA ASN A 135 1.58 -0.63 -10.60
C ASN A 135 2.82 0.27 -10.41
N HIS A 136 3.75 -0.15 -9.51
CA HIS A 136 4.93 0.64 -9.28
C HIS A 136 5.65 0.79 -10.63
N THR A 137 5.73 -0.10 -11.57
CA THR A 137 6.47 0.19 -12.82
C THR A 137 5.99 1.31 -13.75
N PRO A 138 4.75 1.18 -14.19
CA PRO A 138 4.12 2.18 -15.00
C PRO A 138 4.09 3.49 -14.23
N ILE A 139 3.97 3.56 -12.92
CA ILE A 139 3.91 4.80 -12.17
C ILE A 139 5.12 5.65 -12.48
N PHE A 140 6.20 5.00 -12.29
CA PHE A 140 7.58 5.55 -12.43
C PHE A 140 8.02 5.75 -13.86
N ARG A 141 7.70 4.81 -14.70
CA ARG A 141 7.98 4.82 -16.13
C ARG A 141 7.15 5.88 -16.87
N ASP A 142 5.87 6.16 -16.58
CA ASP A 142 5.17 7.27 -17.25
C ASP A 142 5.64 8.67 -16.74
N ALA A 143 6.11 8.64 -15.46
CA ALA A 143 6.63 9.84 -14.74
C ALA A 143 7.94 10.37 -15.40
N GLY A 144 8.68 9.53 -16.11
CA GLY A 144 9.92 9.61 -16.77
C GLY A 144 11.12 8.95 -16.13
N LEU A 145 11.02 8.02 -15.22
CA LEU A 145 12.32 7.51 -14.72
C LEU A 145 12.65 6.16 -15.31
N GLN A 146 13.80 5.62 -14.94
CA GLN A 146 14.21 4.27 -15.44
C GLN A 146 13.95 3.22 -14.39
N LEU A 147 13.63 1.96 -14.59
CA LEU A 147 13.36 0.95 -13.58
C LEU A 147 14.47 -0.11 -13.43
N GLN A 148 14.71 -0.41 -12.13
CA GLN A 148 15.76 -1.40 -11.84
C GLN A 148 15.22 -2.28 -10.72
N ALA A 149 16.08 -3.26 -10.43
CA ALA A 149 15.57 -4.16 -9.38
C ALA A 149 16.63 -4.64 -8.39
N TYR A 150 16.04 -4.97 -7.23
CA TYR A 150 17.03 -5.52 -6.24
C TYR A 150 16.25 -6.79 -5.85
N ARG A 151 16.98 -7.87 -5.55
CA ARG A 151 16.42 -9.19 -5.12
C ARG A 151 15.70 -9.08 -3.79
N TYR A 152 14.52 -9.70 -3.63
CA TYR A 152 13.85 -9.52 -2.34
C TYR A 152 13.23 -10.84 -1.94
N TYR A 153 12.39 -11.46 -2.81
CA TYR A 153 11.74 -12.73 -2.40
C TYR A 153 12.55 -13.93 -2.88
N ASP A 154 12.35 -14.92 -2.04
CA ASP A 154 12.96 -16.25 -2.19
C ASP A 154 11.78 -17.24 -2.13
N PRO A 155 11.47 -17.57 -3.35
CA PRO A 155 10.38 -18.49 -3.67
C PRO A 155 10.90 -19.85 -3.32
N LYS A 156 12.17 -20.27 -3.32
CA LYS A 156 12.36 -21.71 -2.86
C LYS A 156 12.01 -21.92 -1.37
N THR A 157 12.27 -20.83 -0.67
CA THR A 157 12.06 -20.70 0.73
C THR A 157 10.80 -20.09 1.22
N CYS A 158 10.14 -19.14 0.64
CA CYS A 158 8.96 -18.40 1.02
C CYS A 158 9.34 -17.35 2.07
N SER A 159 10.43 -16.65 1.78
CA SER A 159 10.90 -15.55 2.61
C SER A 159 11.91 -14.66 1.86
N LEU A 160 12.32 -13.68 2.64
CA LEU A 160 13.26 -12.67 2.21
C LEU A 160 14.58 -13.28 1.74
N ASP A 161 15.25 -12.84 0.68
CA ASP A 161 16.64 -13.27 0.28
C ASP A 161 17.46 -12.07 0.80
N PHE A 162 17.71 -12.01 2.08
CA PHE A 162 18.43 -10.97 2.80
C PHE A 162 19.87 -10.96 2.29
N THR A 163 20.58 -12.09 2.17
CA THR A 163 21.89 -12.03 1.49
C THR A 163 21.92 -11.37 0.10
N GLY A 164 21.01 -11.76 -0.75
CA GLY A 164 20.87 -11.26 -2.15
C GLY A 164 20.40 -9.80 -2.13
N ALA A 165 19.61 -9.45 -1.12
CA ALA A 165 19.15 -8.09 -1.03
C ALA A 165 20.33 -7.13 -0.74
N MET A 166 21.15 -7.47 0.25
CA MET A 166 22.20 -6.54 0.60
C MET A 166 23.21 -6.74 -0.47
N GLU A 167 23.30 -7.84 -1.18
CA GLU A 167 24.41 -7.72 -2.23
C GLU A 167 24.00 -6.65 -3.25
N ASP A 168 22.82 -6.71 -3.85
CA ASP A 168 22.28 -5.75 -4.83
C ASP A 168 22.29 -4.39 -4.20
N ILE A 169 21.71 -4.26 -3.02
CA ILE A 169 21.75 -2.92 -2.39
C ILE A 169 23.10 -2.26 -2.17
N SER A 170 24.10 -2.98 -1.72
CA SER A 170 25.44 -2.40 -1.46
C SER A 170 26.21 -2.05 -2.75
N LYS A 171 25.61 -2.41 -3.87
CA LYS A 171 26.18 -2.15 -5.18
C LYS A 171 25.37 -1.18 -6.03
N ILE A 172 24.29 -0.61 -5.52
CA ILE A 172 23.53 0.34 -6.32
C ILE A 172 24.44 1.57 -6.26
N PRO A 173 24.56 2.19 -7.43
CA PRO A 173 25.32 3.43 -7.58
C PRO A 173 24.77 4.51 -6.64
N GLU A 174 25.52 5.34 -5.99
CA GLU A 174 25.34 6.39 -5.06
C GLU A 174 24.31 7.38 -5.57
N LYS A 175 23.52 8.01 -4.71
CA LYS A 175 22.54 8.96 -5.20
C LYS A 175 21.47 8.36 -6.12
N SER A 176 21.27 7.09 -6.29
CA SER A 176 20.14 6.45 -6.96
C SER A 176 18.97 6.51 -5.93
N ILE A 177 17.75 6.10 -6.27
CA ILE A 177 16.48 6.07 -5.60
C ILE A 177 16.16 4.60 -5.34
N ILE A 178 15.74 4.23 -4.21
CA ILE A 178 15.34 2.84 -3.89
C ILE A 178 13.94 2.90 -3.26
N LEU A 179 13.01 2.09 -3.79
CA LEU A 179 11.63 2.08 -3.23
C LEU A 179 11.56 1.01 -2.17
N LEU A 180 11.03 1.30 -1.04
CA LEU A 180 11.07 0.23 -0.03
C LEU A 180 9.66 0.35 0.46
N HIS A 181 9.05 -0.79 0.77
CA HIS A 181 7.66 -0.71 1.24
C HIS A 181 7.74 -0.62 2.78
N ALA A 182 7.08 0.29 3.41
CA ALA A 182 7.02 0.57 4.81
C ALA A 182 6.84 -0.68 5.61
N CYS A 183 5.82 -1.42 5.43
CA CYS A 183 5.32 -2.67 6.02
C CYS A 183 4.23 -3.28 5.08
N ALA A 184 4.08 -4.60 5.18
CA ALA A 184 3.11 -5.44 4.41
C ALA A 184 3.45 -5.37 2.92
N HIS A 185 4.69 -5.78 2.80
CA HIS A 185 5.25 -5.77 1.46
C HIS A 185 4.21 -6.56 0.69
N ASN A 186 3.79 -6.07 -0.42
CA ASN A 186 2.89 -6.42 -1.50
C ASN A 186 3.71 -6.73 -2.78
N PRO A 187 3.62 -7.91 -3.36
CA PRO A 187 2.71 -8.96 -2.94
C PRO A 187 3.03 -10.08 -2.04
N THR A 188 4.17 -10.17 -1.50
CA THR A 188 4.80 -11.21 -0.61
C THR A 188 4.39 -11.35 0.86
N GLY A 189 4.05 -10.18 1.44
CA GLY A 189 3.68 -10.19 2.87
C GLY A 189 4.83 -10.66 3.78
N VAL A 190 6.06 -10.55 3.41
CA VAL A 190 7.30 -10.86 4.11
C VAL A 190 8.05 -9.50 4.26
N ASP A 191 8.24 -9.11 5.50
CA ASP A 191 8.95 -7.84 5.73
C ASP A 191 10.35 -8.08 6.40
N PRO A 192 11.35 -7.22 6.10
CA PRO A 192 12.63 -7.31 6.82
C PRO A 192 12.31 -7.39 8.33
N ARG A 193 13.14 -8.09 9.06
CA ARG A 193 13.02 -8.18 10.57
C ARG A 193 13.65 -6.88 11.07
N GLN A 194 13.23 -6.28 12.13
CA GLN A 194 13.81 -5.04 12.69
C GLN A 194 15.35 -4.90 12.62
N GLU A 195 16.06 -5.98 12.82
CA GLU A 195 17.43 -6.37 12.78
C GLU A 195 17.83 -6.15 11.33
N GLN A 196 17.06 -6.76 10.42
CA GLN A 196 17.38 -6.63 8.98
C GLN A 196 17.33 -5.20 8.56
N TRP A 197 16.31 -4.56 9.07
CA TRP A 197 16.01 -3.14 8.85
C TRP A 197 17.18 -2.32 9.38
N LYS A 198 17.78 -2.57 10.55
CA LYS A 198 18.86 -1.68 10.89
C LYS A 198 20.02 -1.77 9.96
N GLU A 199 20.20 -2.90 9.38
CA GLU A 199 21.27 -3.10 8.44
C GLU A 199 21.09 -2.42 7.09
N LEU A 200 19.86 -2.46 6.53
CA LEU A 200 19.50 -1.83 5.25
C LEU A 200 19.73 -0.33 5.47
N ALA A 201 19.32 0.14 6.61
CA ALA A 201 19.45 1.55 7.03
C ALA A 201 20.88 1.97 6.74
N SER A 202 21.86 1.25 7.20
CA SER A 202 23.26 1.44 7.07
C SER A 202 23.74 1.55 5.66
N VAL A 203 23.37 0.55 4.89
CA VAL A 203 23.81 0.58 3.48
C VAL A 203 23.21 1.76 2.71
N VAL A 204 21.91 2.03 2.94
CA VAL A 204 21.26 3.12 2.25
C VAL A 204 21.98 4.36 2.63
N LYS A 205 22.25 4.60 3.88
CA LYS A 205 22.92 5.81 4.39
C LYS A 205 24.27 5.87 3.77
N LYS A 206 24.96 4.73 3.87
CA LYS A 206 26.33 4.63 3.32
C LYS A 206 26.47 4.84 1.85
N ARG A 207 25.50 4.36 0.99
CA ARG A 207 25.58 4.52 -0.47
C ARG A 207 24.93 5.86 -0.86
N ASN A 208 24.33 6.50 0.14
CA ASN A 208 23.71 7.81 -0.13
C ASN A 208 22.56 7.66 -1.14
N LEU A 209 21.65 6.77 -0.89
CA LEU A 209 20.50 6.57 -1.81
C LEU A 209 19.34 7.39 -1.23
N LEU A 210 18.45 7.83 -2.15
CA LEU A 210 17.24 8.53 -1.90
C LEU A 210 16.30 7.31 -1.61
N ALA A 211 15.84 7.28 -0.42
CA ALA A 211 14.95 6.19 0.00
C ALA A 211 13.51 6.63 -0.25
N TYR A 212 12.73 5.92 -1.04
CA TYR A 212 11.33 6.28 -1.21
C TYR A 212 10.51 5.11 -0.65
N PHE A 213 9.83 5.48 0.39
CA PHE A 213 8.91 4.65 1.17
C PHE A 213 7.43 4.77 0.73
N ASP A 214 6.94 3.55 0.50
CA ASP A 214 5.52 3.37 0.11
C ASP A 214 4.85 2.82 1.39
N MET A 215 3.88 3.52 2.00
CA MET A 215 3.14 3.15 3.15
C MET A 215 1.63 3.24 2.93
N ALA A 216 1.23 2.21 2.27
CA ALA A 216 -0.17 1.94 1.95
C ALA A 216 -0.73 1.03 3.02
N TYR A 217 0.07 0.27 3.88
CA TYR A 217 -0.59 -0.62 4.85
C TYR A 217 -0.42 -0.35 6.31
N GLN A 218 -0.14 0.78 6.88
CA GLN A 218 0.06 1.21 8.20
C GLN A 218 -1.14 0.83 9.11
N GLY A 219 -0.76 -0.16 9.91
CA GLY A 219 -1.59 -0.83 10.86
C GLY A 219 -2.05 -2.23 10.39
N PHE A 220 -1.61 -2.74 9.25
CA PHE A 220 -2.06 -4.01 8.69
C PHE A 220 -1.13 -5.24 8.80
N ALA A 221 0.09 -4.91 9.12
CA ALA A 221 1.17 -5.75 9.32
C ALA A 221 1.21 -6.29 10.76
N SER A 222 0.92 -5.47 11.73
CA SER A 222 1.03 -6.00 13.11
C SER A 222 -0.18 -5.75 13.97
N GLY A 223 -1.03 -4.92 13.42
CA GLY A 223 -2.31 -4.44 14.04
C GLY A 223 -2.20 -3.23 14.92
N ASP A 224 -1.07 -2.60 14.98
CA ASP A 224 -0.51 -1.44 15.62
C ASP A 224 0.17 -0.48 14.63
N ILE A 225 -0.37 0.73 14.67
CA ILE A 225 0.19 1.72 13.75
C ILE A 225 1.62 2.17 13.94
N ASN A 226 1.94 2.54 15.16
CA ASN A 226 3.29 2.98 15.60
C ASN A 226 4.25 1.87 15.33
N ARG A 227 3.90 0.65 15.67
CA ARG A 227 4.84 -0.42 15.34
C ARG A 227 5.15 -0.59 13.85
N ASP A 228 4.08 -0.30 13.08
CA ASP A 228 4.22 -0.48 11.62
C ASP A 228 5.04 0.64 10.95
N ALA A 229 5.18 1.74 11.65
CA ALA A 229 5.99 2.85 11.13
C ALA A 229 7.37 2.84 11.71
N TRP A 230 7.76 1.85 12.50
CA TRP A 230 9.12 1.76 13.09
C TRP A 230 10.28 2.04 12.08
N ALA A 231 10.25 1.26 11.02
CA ALA A 231 11.21 1.20 9.99
C ALA A 231 11.44 2.56 9.37
N LEU A 232 10.39 3.28 9.10
CA LEU A 232 10.44 4.56 8.45
C LEU A 232 11.09 5.51 9.46
N ARG A 233 10.62 5.45 10.65
CA ARG A 233 11.20 6.33 11.67
C ARG A 233 12.63 5.92 12.04
N HIS A 234 12.85 4.59 11.88
CA HIS A 234 14.22 4.29 12.25
C HIS A 234 15.12 4.99 11.22
N PHE A 235 14.68 5.07 10.00
CA PHE A 235 15.49 5.65 8.90
C PHE A 235 15.88 7.15 8.99
N ILE A 236 14.73 7.75 9.28
CA ILE A 236 14.82 9.17 9.42
C ILE A 236 15.67 9.48 10.64
N GLU A 237 15.52 8.79 11.76
CA GLU A 237 16.39 9.11 12.91
C GLU A 237 17.84 8.69 12.68
N GLN A 238 18.17 7.83 11.71
CA GLN A 238 19.53 7.45 11.35
C GLN A 238 20.08 8.60 10.51
N GLY A 239 19.21 9.50 10.10
CA GLY A 239 19.58 10.69 9.33
C GLY A 239 19.36 10.64 7.84
N ILE A 240 18.51 9.71 7.47
CA ILE A 240 18.11 9.47 6.09
C ILE A 240 16.82 10.30 5.91
N ASP A 241 16.88 11.14 4.95
CA ASP A 241 15.82 12.05 4.48
C ASP A 241 15.19 11.25 3.30
N VAL A 242 14.02 10.76 3.61
CA VAL A 242 13.30 9.89 2.69
C VAL A 242 12.14 10.73 2.13
N VAL A 243 11.47 10.08 1.18
CA VAL A 243 10.24 10.76 0.70
C VAL A 243 9.24 9.66 0.97
N LEU A 244 7.98 10.05 1.10
CA LEU A 244 7.05 8.92 1.37
C LEU A 244 5.68 9.21 0.76
N SER A 245 4.96 8.13 0.55
CA SER A 245 3.59 8.10 0.08
C SER A 245 2.69 7.28 1.00
N GLN A 246 1.56 7.76 1.46
CA GLN A 246 0.54 7.21 2.33
C GLN A 246 -0.86 7.24 1.61
N SER A 247 -1.56 6.16 1.88
CA SER A 247 -2.88 5.75 1.52
C SER A 247 -3.73 5.46 2.79
N TYR A 248 -4.97 5.99 2.66
CA TYR A 248 -5.93 5.75 3.71
C TYR A 248 -7.00 4.80 3.12
N ALA A 249 -6.67 4.32 1.93
CA ALA A 249 -7.62 3.42 1.31
C ALA A 249 -7.99 2.19 2.09
N LYS A 250 -6.93 1.55 2.58
CA LYS A 250 -7.05 0.28 3.37
C LYS A 250 -7.21 0.45 4.85
N ASN A 251 -6.36 1.13 5.61
CA ASN A 251 -6.47 1.28 7.07
C ASN A 251 -7.69 2.11 7.36
N MET A 252 -8.21 3.03 6.53
CA MET A 252 -9.50 3.73 6.94
C MET A 252 -10.70 3.28 6.11
N GLY A 253 -10.45 2.41 5.10
CA GLY A 253 -11.44 1.89 4.17
C GLY A 253 -12.20 2.97 3.38
N LEU A 254 -11.45 3.96 2.94
CA LEU A 254 -11.76 5.15 2.20
C LEU A 254 -11.46 4.76 0.75
N TYR A 255 -11.34 3.56 0.30
CA TYR A 255 -11.02 3.23 -1.11
C TYR A 255 -11.31 4.26 -2.23
N GLY A 256 -12.61 4.30 -2.64
CA GLY A 256 -12.96 5.25 -3.74
C GLY A 256 -13.14 6.72 -3.34
N GLU A 257 -12.96 7.21 -2.14
CA GLU A 257 -13.05 8.62 -1.81
C GLU A 257 -11.66 9.22 -2.08
N ARG A 258 -10.64 8.34 -2.16
CA ARG A 258 -9.25 8.69 -2.46
C ARG A 258 -8.52 9.71 -1.57
N ALA A 259 -8.01 9.40 -0.36
CA ALA A 259 -7.38 10.35 0.53
C ALA A 259 -5.91 9.82 0.68
N GLY A 260 -4.88 10.60 0.54
CA GLY A 260 -3.56 9.93 0.70
C GLY A 260 -2.57 11.10 0.86
N ALA A 261 -1.30 10.91 0.97
CA ALA A 261 -0.46 12.11 1.15
C ALA A 261 0.95 11.90 0.62
N PHE A 262 1.66 12.87 0.09
CA PHE A 262 3.04 12.66 -0.31
C PHE A 262 3.81 13.67 0.59
N THR A 263 4.84 13.13 1.24
CA THR A 263 5.80 13.85 2.10
C THR A 263 7.28 13.84 1.74
N VAL A 264 7.93 14.97 1.95
CA VAL A 264 9.39 15.08 1.73
C VAL A 264 10.07 15.53 3.05
N ILE A 265 11.06 14.82 3.58
CA ILE A 265 11.92 15.14 4.69
C ILE A 265 13.07 15.93 4.00
N CYS A 266 13.10 17.14 4.48
CA CYS A 266 14.01 18.20 4.12
C CYS A 266 14.95 18.52 5.28
N ARG A 267 15.80 19.45 4.92
CA ARG A 267 16.86 19.89 5.81
C ARG A 267 16.52 20.86 6.88
N ASP A 268 15.66 21.79 6.58
CA ASP A 268 15.30 22.86 7.56
C ASP A 268 13.79 23.05 7.21
N ALA A 269 13.24 24.00 7.86
CA ALA A 269 11.92 24.45 7.66
C ALA A 269 11.77 25.26 6.38
N GLU A 270 12.79 26.01 6.09
CA GLU A 270 12.97 26.92 4.99
C GLU A 270 13.07 26.08 3.72
N GLU A 271 13.78 25.03 3.58
CA GLU A 271 13.85 24.21 2.41
C GLU A 271 12.48 23.59 2.13
N ALA A 272 11.79 23.25 3.19
CA ALA A 272 10.48 22.66 3.25
C ALA A 272 9.61 23.72 2.57
N LYS A 273 9.72 24.97 2.97
CA LYS A 273 8.94 26.03 2.43
C LYS A 273 9.17 26.07 0.94
N ARG A 274 10.30 25.85 0.35
CA ARG A 274 10.55 25.87 -1.08
C ARG A 274 10.20 24.59 -1.84
N VAL A 275 10.23 23.44 -1.23
CA VAL A 275 9.86 22.23 -1.96
C VAL A 275 8.36 22.23 -2.13
N GLU A 276 7.67 22.87 -1.27
CA GLU A 276 6.20 22.98 -1.24
C GLU A 276 5.71 23.77 -2.42
N SER A 277 6.35 24.88 -2.67
CA SER A 277 6.03 25.90 -3.68
C SER A 277 6.07 25.21 -5.04
N GLN A 278 7.16 24.48 -5.09
CA GLN A 278 7.41 23.74 -6.29
C GLN A 278 6.51 22.53 -6.46
N LEU A 279 5.97 21.92 -5.45
CA LEU A 279 5.10 20.72 -5.53
C LEU A 279 3.72 21.17 -6.00
N LYS A 280 3.28 22.35 -5.65
CA LYS A 280 2.05 23.04 -5.92
C LYS A 280 1.97 23.35 -7.41
N ILE A 281 3.08 23.93 -7.85
CA ILE A 281 3.22 24.28 -9.26
C ILE A 281 3.06 23.12 -10.20
N LEU A 282 3.57 21.97 -9.76
CA LEU A 282 3.55 20.60 -10.33
C LEU A 282 2.11 20.07 -10.25
N ILE A 283 1.35 20.21 -9.19
CA ILE A 283 0.04 19.75 -8.95
C ILE A 283 -0.96 20.70 -9.61
N ARG A 284 -0.85 21.99 -9.68
CA ARG A 284 -1.81 22.84 -10.37
C ARG A 284 -2.17 22.44 -11.80
N PRO A 285 -1.25 22.15 -12.74
CA PRO A 285 -1.48 21.67 -14.11
C PRO A 285 -1.81 20.17 -14.28
N MET A 286 -2.09 19.46 -13.25
CA MET A 286 -2.48 18.11 -13.00
C MET A 286 -3.98 17.89 -12.72
N TYR A 287 -4.50 18.38 -11.59
CA TYR A 287 -5.94 18.15 -11.27
C TYR A 287 -6.34 19.36 -10.41
N SER A 288 -5.36 20.30 -10.34
CA SER A 288 -5.52 21.58 -9.68
C SER A 288 -5.59 21.55 -8.17
N ASN A 289 -6.58 20.94 -7.65
CA ASN A 289 -6.71 20.86 -6.17
C ASN A 289 -7.33 19.50 -5.94
N PRO A 290 -7.22 18.94 -4.78
CA PRO A 290 -7.65 17.55 -4.42
C PRO A 290 -8.99 17.32 -3.84
N PRO A 291 -9.42 16.07 -4.03
CA PRO A 291 -10.74 15.56 -3.54
C PRO A 291 -10.96 15.70 -2.03
N MET A 292 -11.91 16.54 -1.65
CA MET A 292 -12.27 16.92 -0.27
C MET A 292 -12.94 15.94 0.68
N ASN A 293 -13.78 15.03 0.22
CA ASN A 293 -14.48 14.18 1.20
C ASN A 293 -13.64 13.25 2.09
N GLY A 294 -12.68 12.48 1.59
CA GLY A 294 -11.78 11.51 2.26
C GLY A 294 -10.85 12.20 3.26
N ALA A 295 -10.28 13.30 2.81
CA ALA A 295 -9.44 14.24 3.44
C ALA A 295 -10.11 14.84 4.72
N ARG A 296 -11.41 15.13 4.58
CA ARG A 296 -12.26 15.67 5.63
C ARG A 296 -12.64 14.54 6.58
N ILE A 297 -12.89 13.32 6.13
CA ILE A 297 -13.27 12.20 6.97
C ILE A 297 -12.08 11.79 7.82
N ALA A 298 -10.95 11.62 7.19
CA ALA A 298 -9.69 11.25 7.79
C ALA A 298 -9.22 12.25 8.86
N SER A 299 -9.22 13.48 8.49
CA SER A 299 -8.81 14.59 9.39
C SER A 299 -9.71 14.51 10.63
N LEU A 300 -11.00 14.62 10.65
CA LEU A 300 -11.90 14.54 11.81
C LEU A 300 -11.52 13.32 12.66
N ILE A 301 -11.20 12.15 12.22
CA ILE A 301 -10.80 10.93 12.89
C ILE A 301 -9.37 11.05 13.45
N LEU A 302 -8.34 11.40 12.70
CA LEU A 302 -6.99 11.61 13.10
C LEU A 302 -6.95 12.67 14.24
N ASN A 303 -7.68 13.76 14.05
CA ASN A 303 -7.70 14.84 15.04
C ASN A 303 -8.75 14.82 16.12
N THR A 304 -9.67 13.92 16.37
CA THR A 304 -10.70 13.96 17.46
C THR A 304 -10.43 12.65 18.21
N PRO A 305 -9.82 12.96 19.32
CA PRO A 305 -9.40 11.92 20.30
C PRO A 305 -10.18 10.63 20.33
N GLU A 306 -11.46 10.59 20.36
CA GLU A 306 -12.38 9.49 20.44
C GLU A 306 -12.60 8.79 19.14
N LEU A 307 -12.27 9.61 18.15
CA LEU A 307 -12.41 9.05 16.77
C LEU A 307 -11.04 8.43 16.67
N ARG A 308 -10.01 9.17 17.11
CA ARG A 308 -8.72 8.40 16.92
C ARG A 308 -8.72 7.06 17.60
N LYS A 309 -9.20 6.90 18.83
CA LYS A 309 -9.27 5.68 19.59
C LYS A 309 -10.17 4.61 18.93
N GLU A 310 -11.37 5.10 18.59
CA GLU A 310 -12.29 4.12 17.94
C GLU A 310 -11.60 3.55 16.70
N TRP A 311 -11.00 4.32 15.82
CA TRP A 311 -10.26 3.89 14.65
C TRP A 311 -9.18 2.91 15.02
N LEU A 312 -8.48 3.10 16.14
CA LEU A 312 -7.41 2.06 16.33
C LEU A 312 -7.97 0.74 16.82
N VAL A 313 -9.11 0.79 17.47
CA VAL A 313 -9.75 -0.45 17.95
C VAL A 313 -10.13 -1.19 16.69
N GLU A 314 -10.77 -0.52 15.74
CA GLU A 314 -11.21 -1.02 14.46
C GLU A 314 -10.12 -1.48 13.52
N VAL A 315 -8.93 -0.97 13.48
CA VAL A 315 -7.80 -1.34 12.68
C VAL A 315 -7.23 -2.74 13.09
N LYS A 316 -7.29 -2.93 14.39
CA LYS A 316 -6.92 -4.06 15.17
C LYS A 316 -7.87 -5.25 14.96
N GLY A 317 -9.10 -4.87 14.89
CA GLY A 317 -10.23 -5.78 14.66
C GLY A 317 -10.08 -6.46 13.29
N MET A 318 -9.65 -5.67 12.31
CA MET A 318 -9.39 -5.92 10.89
C MET A 318 -8.15 -6.79 10.78
N ALA A 319 -7.04 -6.47 11.42
CA ALA A 319 -5.82 -7.23 11.42
C ALA A 319 -6.02 -8.65 11.99
N ASP A 320 -6.69 -8.68 13.13
CA ASP A 320 -7.02 -9.97 13.79
C ASP A 320 -7.84 -10.98 12.93
N ARG A 321 -8.82 -10.32 12.36
CA ARG A 321 -9.70 -11.09 11.48
C ARG A 321 -8.95 -11.71 10.28
N ILE A 322 -8.02 -11.02 9.63
CA ILE A 322 -7.31 -11.56 8.52
C ILE A 322 -6.56 -12.78 9.06
N ILE A 323 -6.01 -12.55 10.28
CA ILE A 323 -5.30 -13.64 10.97
C ILE A 323 -6.08 -14.92 11.20
N SER A 324 -7.28 -14.69 11.67
CA SER A 324 -8.24 -15.79 11.94
C SER A 324 -8.54 -16.53 10.64
N MET A 325 -8.46 -15.80 9.52
CA MET A 325 -8.81 -16.47 8.24
C MET A 325 -7.58 -17.23 7.68
N ARG A 326 -6.39 -16.72 8.01
CA ARG A 326 -5.18 -17.39 7.56
C ARG A 326 -5.24 -18.78 8.17
N THR A 327 -5.35 -18.84 9.45
CA THR A 327 -5.47 -19.90 10.43
C THR A 327 -6.51 -20.90 9.96
N GLN A 328 -7.73 -20.39 9.96
CA GLN A 328 -8.80 -21.22 9.45
C GLN A 328 -8.40 -21.69 8.08
N LEU A 329 -7.73 -21.07 7.19
CA LEU A 329 -7.46 -21.57 5.86
C LEU A 329 -6.60 -22.80 5.85
N VAL A 330 -5.51 -22.63 6.59
CA VAL A 330 -4.54 -23.75 6.59
C VAL A 330 -5.11 -25.07 7.10
N SER A 331 -5.97 -24.96 8.03
CA SER A 331 -6.65 -25.99 8.78
C SER A 331 -7.66 -26.61 7.88
N ASN A 332 -8.39 -25.92 7.01
CA ASN A 332 -9.36 -26.68 6.19
C ASN A 332 -8.50 -27.36 5.13
N LEU A 333 -7.38 -26.73 4.81
CA LEU A 333 -6.59 -27.44 3.84
C LEU A 333 -6.24 -28.77 4.46
N LYS A 334 -5.71 -28.84 5.67
CA LYS A 334 -5.28 -30.14 6.23
C LYS A 334 -6.42 -31.16 6.22
N LYS A 335 -7.56 -30.72 6.68
CA LYS A 335 -8.89 -31.26 6.85
C LYS A 335 -9.35 -31.77 5.49
N GLU A 336 -9.15 -31.11 4.37
CA GLU A 336 -9.55 -31.51 3.02
C GLU A 336 -8.66 -32.64 2.47
N GLY A 337 -7.52 -32.68 3.12
CA GLY A 337 -6.39 -33.57 3.03
C GLY A 337 -5.26 -33.00 2.20
N SER A 338 -4.97 -31.66 2.33
CA SER A 338 -3.87 -31.26 1.42
C SER A 338 -2.54 -31.86 1.85
N SER A 339 -1.61 -32.23 0.99
CA SER A 339 -0.36 -32.81 1.49
C SER A 339 0.68 -31.72 1.56
N HIS A 340 0.21 -30.69 0.89
CA HIS A 340 1.18 -29.57 0.78
C HIS A 340 1.33 -28.87 2.12
N ASN A 341 2.44 -28.16 2.16
CA ASN A 341 2.96 -27.31 3.24
C ASN A 341 2.33 -25.93 2.97
N TRP A 342 1.50 -25.45 3.81
CA TRP A 342 0.78 -24.21 3.57
C TRP A 342 1.18 -23.20 4.61
N GLN A 343 2.28 -23.57 5.25
CA GLN A 343 2.73 -22.70 6.33
C GLN A 343 2.98 -21.22 6.04
N HIS A 344 3.20 -20.84 4.81
CA HIS A 344 3.38 -19.47 4.47
C HIS A 344 2.12 -18.66 4.61
N ILE A 345 0.96 -19.23 4.45
CA ILE A 345 -0.35 -18.60 4.54
C ILE A 345 -0.42 -17.85 5.85
N THR A 346 -0.23 -18.61 6.94
CA THR A 346 -0.17 -18.19 8.32
C THR A 346 1.13 -17.40 8.68
N ASP A 347 2.22 -17.68 7.93
CA ASP A 347 3.44 -16.94 8.17
C ASP A 347 3.39 -15.51 7.66
N GLN A 348 2.87 -15.17 6.52
CA GLN A 348 2.75 -13.93 5.79
C GLN A 348 1.89 -12.95 6.50
N ILE A 349 2.06 -11.67 6.31
CA ILE A 349 1.30 -10.66 7.03
C ILE A 349 0.71 -9.64 6.04
N GLY A 350 -0.33 -9.00 6.42
CA GLY A 350 -0.99 -7.97 5.64
C GLY A 350 -2.26 -8.63 5.13
N MET A 351 -2.86 -8.05 4.13
CA MET A 351 -4.09 -8.46 3.43
C MET A 351 -3.95 -9.65 2.51
N PHE A 352 -2.81 -10.03 2.01
CA PHE A 352 -2.61 -11.15 1.08
C PHE A 352 -1.80 -12.35 1.55
N CYS A 353 -1.76 -13.28 0.60
CA CYS A 353 -1.03 -14.53 0.77
C CYS A 353 -0.48 -14.74 -0.69
N PHE A 354 0.79 -14.89 -0.78
CA PHE A 354 1.59 -15.16 -1.94
C PHE A 354 1.79 -16.70 -1.96
N THR A 355 0.78 -17.42 -2.29
CA THR A 355 0.51 -18.82 -2.33
C THR A 355 1.42 -19.73 -3.15
N GLY A 356 1.95 -19.32 -4.28
CA GLY A 356 2.81 -20.25 -5.04
C GLY A 356 2.09 -20.96 -6.18
N LEU A 357 0.77 -20.83 -6.23
CA LEU A 357 -0.03 -21.47 -7.26
C LEU A 357 0.48 -21.04 -8.62
N LYS A 358 0.36 -21.97 -9.55
CA LYS A 358 0.83 -21.57 -10.90
C LYS A 358 -0.39 -21.11 -11.64
N PRO A 359 -0.18 -20.57 -12.80
CA PRO A 359 -1.24 -20.03 -13.64
C PRO A 359 -2.38 -20.91 -14.20
N GLU A 360 -2.16 -22.19 -14.32
CA GLU A 360 -3.13 -23.15 -14.75
C GLU A 360 -4.11 -23.44 -13.62
N GLN A 361 -3.56 -23.45 -12.44
CA GLN A 361 -4.22 -23.67 -11.15
C GLN A 361 -5.02 -22.39 -10.91
N VAL A 362 -4.56 -21.21 -11.15
CA VAL A 362 -5.29 -19.96 -10.97
C VAL A 362 -6.51 -19.92 -11.88
N GLU A 363 -6.29 -20.29 -13.13
CA GLU A 363 -7.14 -20.37 -14.31
C GLU A 363 -8.20 -21.39 -14.02
N ARG A 364 -7.93 -22.59 -13.47
CA ARG A 364 -9.08 -23.45 -13.15
C ARG A 364 -9.87 -23.01 -11.89
N LEU A 365 -9.15 -22.34 -11.02
CA LEU A 365 -9.92 -21.85 -9.84
C LEU A 365 -11.03 -20.89 -10.30
N THR A 366 -10.67 -20.04 -11.21
CA THR A 366 -11.56 -19.02 -11.76
C THR A 366 -12.74 -19.65 -12.47
N LYS A 367 -12.43 -20.54 -13.39
CA LYS A 367 -13.32 -21.32 -14.21
C LYS A 367 -13.97 -22.42 -13.44
N GLU A 368 -13.52 -23.36 -12.62
CA GLU A 368 -14.41 -24.30 -11.96
C GLU A 368 -15.09 -23.82 -10.68
N PHE A 369 -14.39 -22.88 -10.04
CA PHE A 369 -14.95 -22.38 -8.80
C PHE A 369 -15.36 -20.94 -8.69
N SER A 370 -15.14 -20.04 -9.60
CA SER A 370 -15.40 -18.62 -9.55
C SER A 370 -14.63 -17.83 -8.49
N ILE A 371 -13.41 -18.28 -8.33
CA ILE A 371 -12.44 -17.72 -7.42
C ILE A 371 -11.39 -16.95 -8.27
N TYR A 372 -11.53 -15.64 -8.21
CA TYR A 372 -10.71 -14.60 -8.90
C TYR A 372 -9.57 -14.15 -8.01
N MET A 373 -8.31 -14.12 -8.39
CA MET A 373 -7.08 -13.71 -7.71
C MET A 373 -6.24 -13.36 -8.97
N THR A 374 -5.12 -12.76 -8.67
CA THR A 374 -4.21 -12.35 -9.75
C THR A 374 -3.47 -13.62 -10.15
N LYS A 375 -2.99 -13.69 -11.34
CA LYS A 375 -2.27 -14.72 -12.00
C LYS A 375 -0.88 -14.76 -11.35
N ASP A 376 -0.49 -14.02 -10.36
CA ASP A 376 0.90 -14.22 -9.85
C ASP A 376 0.84 -15.19 -8.67
N GLY A 377 -0.30 -15.66 -8.36
CA GLY A 377 -0.74 -16.54 -7.34
C GLY A 377 -1.19 -15.84 -6.08
N ARG A 378 -1.30 -14.52 -6.11
CA ARG A 378 -1.62 -13.71 -4.92
C ARG A 378 -3.05 -13.81 -4.48
N ILE A 379 -3.45 -14.02 -3.26
CA ILE A 379 -4.94 -14.01 -3.12
C ILE A 379 -5.08 -12.95 -2.02
N SER A 380 -6.22 -12.38 -1.90
CA SER A 380 -6.54 -11.39 -0.88
C SER A 380 -7.37 -12.17 0.16
N VAL A 381 -6.68 -12.46 1.25
CA VAL A 381 -7.34 -13.23 2.32
C VAL A 381 -8.23 -12.33 3.13
N ALA A 382 -8.02 -11.02 2.95
CA ALA A 382 -8.70 -9.85 3.56
C ALA A 382 -10.18 -10.04 3.27
N GLY A 383 -10.44 -10.53 2.07
CA GLY A 383 -11.74 -10.77 1.53
C GLY A 383 -12.33 -12.12 1.69
N VAL A 384 -11.95 -12.92 2.68
CA VAL A 384 -12.49 -14.28 2.96
C VAL A 384 -13.29 -14.03 4.23
N ALA A 385 -14.42 -14.67 4.33
CA ALA A 385 -15.31 -14.57 5.50
C ALA A 385 -15.44 -15.98 6.05
N SER A 386 -15.90 -16.16 7.22
CA SER A 386 -16.16 -17.33 7.98
C SER A 386 -16.95 -18.30 7.09
N SER A 387 -17.82 -17.77 6.28
CA SER A 387 -18.64 -18.65 5.47
C SER A 387 -18.02 -19.05 4.17
N ASN A 388 -16.92 -18.60 3.63
CA ASN A 388 -16.48 -19.25 2.38
C ASN A 388 -15.06 -19.70 2.63
N VAL A 389 -14.57 -19.71 3.90
CA VAL A 389 -13.15 -20.16 4.16
C VAL A 389 -13.15 -21.59 3.66
N GLY A 390 -14.15 -22.38 4.02
CA GLY A 390 -14.34 -23.79 3.62
C GLY A 390 -14.36 -23.90 2.13
N TYR A 391 -15.15 -23.10 1.41
CA TYR A 391 -15.15 -23.15 -0.04
C TYR A 391 -13.76 -22.93 -0.60
N LEU A 392 -13.12 -21.81 -0.24
CA LEU A 392 -11.79 -21.58 -0.88
C LEU A 392 -10.84 -22.78 -0.76
N ALA A 393 -10.83 -23.30 0.48
CA ALA A 393 -9.92 -24.38 0.94
C ALA A 393 -10.17 -25.61 0.11
N HIS A 394 -11.37 -26.01 -0.03
CA HIS A 394 -11.62 -27.15 -0.89
C HIS A 394 -11.17 -26.89 -2.33
N ALA A 395 -11.32 -25.71 -2.80
CA ALA A 395 -10.99 -25.36 -4.17
C ALA A 395 -9.52 -25.44 -4.36
N ILE A 396 -8.82 -24.71 -3.45
CA ILE A 396 -7.34 -24.67 -3.43
C ILE A 396 -6.86 -26.13 -3.47
N HIS A 397 -7.47 -26.97 -2.67
CA HIS A 397 -7.15 -28.39 -2.60
C HIS A 397 -7.43 -29.15 -3.91
N GLN A 398 -8.58 -28.89 -4.49
CA GLN A 398 -8.88 -29.63 -5.74
C GLN A 398 -7.91 -29.38 -6.85
N VAL A 399 -7.60 -28.16 -7.14
CA VAL A 399 -6.71 -27.71 -8.19
C VAL A 399 -5.24 -27.95 -7.92
N THR A 400 -4.92 -28.26 -6.70
CA THR A 400 -3.60 -28.55 -6.07
C THR A 400 -3.54 -30.03 -5.76
N LYS A 401 -4.68 -30.71 -5.58
CA LYS A 401 -4.73 -32.15 -5.33
C LYS A 401 -3.74 -32.92 -6.21
N1 CBA B . 1.14 0.77 -2.93
C2 CBA B . 0.83 -0.56 -2.68
C2A CBA B . 1.78 -1.66 -2.22
C3 CBA B . -0.50 -0.98 -2.81
O3 CBA B . -0.56 -2.34 -2.46
C4 CBA B . -1.55 -0.17 -3.24
C4A CBA B . -2.96 -0.74 -3.42
C5 CBA B . -1.26 1.19 -3.46
C5A CBA B . -2.29 2.20 -3.97
C6 CBA B . 0.08 1.63 -3.31
P CBA B . -4.48 3.44 -3.52
O1P CBA B . -4.47 4.46 -2.29
O2P CBA B . -5.88 3.02 -3.61
O3P CBA B . -4.04 4.34 -4.68
O4P CBA B . -3.56 2.17 -3.47
N CBA B . -2.79 -2.15 -3.99
CA CBA B . -4.11 -2.95 -4.17
OA CBA B . -4.99 -2.93 -3.00
CB CBA B . -5.09 -2.20 -5.12
OB CBA B . -5.57 -1.17 -4.21
C CBA B . -3.84 -4.36 -4.64
O CBA B . -2.65 -4.64 -4.94
OT CBA B . -4.77 -5.26 -4.74
CG CBA B . -4.53 -1.74 -6.47
OD1 CBA B . -4.89 -0.50 -6.53
OD2 CBA B . -3.83 -2.48 -7.30
#